data_3Q2W
#
_entry.id   3Q2W
#
_cell.length_a   91.372
_cell.length_b   111.648
_cell.length_c   262.107
_cell.angle_alpha   90.00
_cell.angle_beta   90.00
_cell.angle_gamma   90.00
#
_symmetry.space_group_name_H-M   'C 2 2 21'
#
loop_
_entity.id
_entity.type
_entity.pdbx_description
1 polymer Cadherin-2
2 branched 2-acetamido-2-deoxy-beta-D-glucopyranose-(1-4)-2-acetamido-2-deoxy-beta-D-glucopyranose
3 non-polymer 'CALCIUM ION'
4 non-polymer alpha-D-mannopyranose
5 non-polymer 2-acetamido-2-deoxy-beta-D-glucopyranose
6 water water
#
_entity_poly.entity_id   1
_entity_poly.type   'polypeptide(L)'
_entity_poly.pdbx_seq_one_letter_code
;DWVIPPINLPENSRGPFPQELVRIRSDRDKNLSLRYSVTGPGADQPPTGIFIINPISGQLSVTKPLDRELIARFHLRAHA
VDINGNQVENPIDIVINVIDMNDNRPEFLHQVWNGSVPEGSKPGTYVMTVTAIDADDPNALNGMLRYRILSQAPSTPSPN
MFTINNETGDIITVAAGLDREKVQQYTLIIQATDMEGNPTYGLSNTATAVITVTDVNDNPPEFTAMTFYGEVPENRVDVI
VANLTVTDKDQPHTPAWNAAYRISGGDPTGRFAILTDPNSNDGLVTVVKPIDFETNRMFVLTVAAENQVPLAKGIQHPPQ
STATVSVTVIDVNENPYFAPNPKIIRQEEGLHAGTMLTTLTAQDPDRYMQQNIRYTKLSDPANWLKIDPVNGQITTIAVL
DRESPNVKNNIYNATFLASDNGIPPMSGTGTLQIYLLDINDNAPQVLPQEAETCETPEPNSINITALDYDIDPNAGPFAF
DLPLSPVTIKRNWTINRLNGDFAQLNLKIKFLEAGIYEVPIIITDSGNPPKSNISILRVKVCQCDSNGDCTDVHHHHHH
;
_entity_poly.pdbx_strand_id   A
#
loop_
_chem_comp.id
_chem_comp.type
_chem_comp.name
_chem_comp.formula
CA non-polymer 'CALCIUM ION' 'Ca 2'
MAN D-saccharide, alpha linking alpha-D-mannopyranose 'C6 H12 O6'
NAG D-saccharide, beta linking 2-acetamido-2-deoxy-beta-D-glucopyranose 'C8 H15 N O6'
#
# COMPACT_ATOMS: atom_id res chain seq x y z
N ASP A 1 -14.36 15.69 88.00
CA ASP A 1 -15.74 15.14 87.96
C ASP A 1 -15.81 13.69 87.46
N TRP A 2 -16.32 12.82 88.33
CA TRP A 2 -16.65 11.46 87.95
C TRP A 2 -17.72 11.49 86.87
N VAL A 3 -17.61 10.58 85.92
CA VAL A 3 -18.47 10.59 84.74
C VAL A 3 -19.47 9.45 84.86
N ILE A 4 -20.76 9.78 84.80
CA ILE A 4 -21.81 8.75 84.82
C ILE A 4 -21.52 7.72 83.72
N PRO A 5 -21.47 6.44 84.10
CA PRO A 5 -21.12 5.40 83.15
C PRO A 5 -22.12 5.39 82.00
N PRO A 6 -21.63 5.17 80.77
CA PRO A 6 -22.53 5.07 79.62
C PRO A 6 -23.43 3.85 79.74
N ILE A 7 -24.57 3.89 79.06
CA ILE A 7 -25.50 2.78 79.06
C ILE A 7 -25.32 2.02 77.78
N ASN A 8 -25.13 0.71 77.87
CA ASN A 8 -24.78 -0.07 76.71
C ASN A 8 -25.89 -1.00 76.25
N LEU A 9 -26.65 -0.54 75.26
CA LEU A 9 -27.84 -1.25 74.80
C LEU A 9 -27.64 -1.90 73.45
N PRO A 10 -28.02 -3.19 73.33
CA PRO A 10 -28.06 -3.82 72.01
C PRO A 10 -29.21 -3.26 71.20
N GLU A 11 -29.01 -3.07 69.90
CA GLU A 11 -30.10 -2.69 69.00
C GLU A 11 -31.12 -3.83 68.89
N ASN A 12 -32.24 -3.55 68.22
CA ASN A 12 -33.30 -4.54 68.04
C ASN A 12 -33.73 -5.25 69.33
N SER A 13 -34.01 -4.45 70.36
CA SER A 13 -34.56 -4.98 71.60
C SER A 13 -36.01 -5.43 71.40
N ARG A 14 -36.39 -6.49 72.10
CA ARG A 14 -37.76 -7.01 72.01
C ARG A 14 -38.65 -6.44 73.11
N GLY A 15 -38.04 -5.70 74.04
CA GLY A 15 -38.79 -5.10 75.14
C GLY A 15 -39.21 -6.11 76.20
N PRO A 16 -40.42 -5.93 76.77
CA PRO A 16 -41.44 -4.97 76.37
C PRO A 16 -41.15 -3.54 76.80
N PHE A 17 -41.64 -2.59 76.01
CA PHE A 17 -41.42 -1.18 76.26
C PHE A 17 -42.63 -0.57 76.99
N PRO A 18 -42.41 0.48 77.81
CA PRO A 18 -41.18 1.21 78.08
C PRO A 18 -40.19 0.40 78.91
N GLN A 19 -39.04 0.11 78.33
CA GLN A 19 -38.04 -0.69 79.00
C GLN A 19 -37.14 0.21 79.82
N GLU A 20 -37.02 -0.09 81.11
CA GLU A 20 -36.23 0.75 82.01
C GLU A 20 -34.75 0.36 82.05
N LEU A 21 -33.90 1.37 82.22
CA LEU A 21 -32.47 1.18 82.07
C LEU A 21 -31.74 1.51 83.35
N VAL A 22 -31.87 2.76 83.76
CA VAL A 22 -31.04 3.32 84.81
C VAL A 22 -31.85 4.34 85.61
N ARG A 23 -31.39 4.58 86.84
CA ARG A 23 -32.00 5.58 87.69
C ARG A 23 -30.97 6.65 88.10
N ILE A 24 -31.10 7.85 87.54
CA ILE A 24 -30.32 8.98 88.02
C ILE A 24 -31.14 9.79 89.01
N ARG A 25 -30.51 10.16 90.11
CA ARG A 25 -31.13 11.00 91.13
C ARG A 25 -30.05 11.79 91.83
N SER A 26 -30.46 12.86 92.49
CA SER A 26 -29.53 13.68 93.25
C SER A 26 -29.66 13.32 94.73
N ASP A 27 -28.52 13.19 95.40
CA ASP A 27 -28.53 12.88 96.84
C ASP A 27 -29.08 14.06 97.64
N ARG A 28 -29.20 15.21 96.98
CA ARG A 28 -29.81 16.39 97.58
C ARG A 28 -31.29 16.20 97.88
N ASP A 29 -31.83 15.05 97.50
CA ASP A 29 -33.24 14.73 97.73
C ASP A 29 -33.52 14.23 99.15
N LYS A 30 -32.51 14.26 100.01
CA LYS A 30 -32.67 13.87 101.43
C LYS A 30 -33.68 14.75 102.17
N ASN A 31 -33.92 15.95 101.65
CA ASN A 31 -34.82 16.92 102.28
C ASN A 31 -35.63 17.70 101.24
N LEU A 32 -35.06 17.88 100.04
CA LEU A 32 -35.78 18.48 98.93
C LEU A 32 -36.63 17.52 98.10
N SER A 33 -37.71 18.03 97.52
CA SER A 33 -38.52 17.20 96.63
C SER A 33 -38.24 17.57 95.19
N LEU A 34 -37.50 16.69 94.51
CA LEU A 34 -36.94 17.02 93.21
C LEU A 34 -37.77 16.50 92.04
N ARG A 35 -37.56 17.14 90.89
CA ARG A 35 -38.18 16.72 89.63
C ARG A 35 -37.12 16.60 88.53
N TYR A 36 -37.12 15.47 87.84
CA TYR A 36 -36.09 15.18 86.85
C TYR A 36 -36.56 15.31 85.42
N SER A 37 -35.62 15.51 84.51
CA SER A 37 -35.91 15.62 83.10
C SER A 37 -34.64 15.45 82.27
N VAL A 38 -34.75 14.73 81.15
CA VAL A 38 -33.65 14.63 80.21
C VAL A 38 -33.84 15.58 79.04
N THR A 39 -32.73 15.99 78.45
CA THR A 39 -32.76 16.80 77.24
C THR A 39 -31.82 16.19 76.19
N GLY A 40 -31.93 16.68 74.95
CA GLY A 40 -31.06 16.24 73.87
C GLY A 40 -31.74 15.39 72.80
N PRO A 41 -31.04 15.13 71.69
CA PRO A 41 -31.52 14.27 70.60
C PRO A 41 -31.83 12.87 71.11
N GLY A 42 -33.06 12.42 70.90
CA GLY A 42 -33.50 11.15 71.46
C GLY A 42 -34.41 11.37 72.65
N ALA A 43 -34.32 12.57 73.24
CA ALA A 43 -35.13 12.92 74.39
C ALA A 43 -36.19 13.99 74.11
N ASP A 44 -35.75 15.23 73.87
CA ASP A 44 -36.66 16.36 73.75
C ASP A 44 -36.40 16.89 72.35
N GLN A 45 -35.20 16.64 71.83
CA GLN A 45 -34.84 16.97 70.45
C GLN A 45 -34.96 15.72 69.57
N PRO A 46 -35.13 15.91 68.24
CA PRO A 46 -35.36 14.75 67.37
C PRO A 46 -34.16 13.79 67.35
N PRO A 47 -34.44 12.47 67.30
CA PRO A 47 -35.79 11.92 67.29
C PRO A 47 -36.40 11.89 68.70
N THR A 48 -37.61 12.44 68.81
CA THR A 48 -38.29 12.65 70.08
C THR A 48 -38.82 11.38 70.72
N GLY A 49 -38.64 11.29 72.04
CA GLY A 49 -39.36 10.30 72.86
C GLY A 49 -38.75 8.93 73.00
N ILE A 50 -37.55 8.76 72.46
CA ILE A 50 -36.84 7.48 72.55
C ILE A 50 -36.48 7.20 74.01
N PHE A 51 -36.01 8.24 74.69
CA PHE A 51 -35.61 8.13 76.08
C PHE A 51 -36.43 9.06 76.95
N ILE A 52 -37.00 8.52 78.01
CA ILE A 52 -37.86 9.27 78.92
C ILE A 52 -37.38 9.09 80.34
N ILE A 53 -37.69 10.06 81.20
CA ILE A 53 -37.29 9.96 82.60
C ILE A 53 -38.47 10.21 83.52
N ASN A 54 -38.73 9.27 84.42
CA ASN A 54 -39.76 9.44 85.43
C ASN A 54 -39.38 10.62 86.30
N PRO A 55 -40.24 11.65 86.33
CA PRO A 55 -39.87 12.94 86.93
C PRO A 55 -39.63 12.83 88.42
N ILE A 56 -40.21 11.80 89.04
CA ILE A 56 -40.16 11.64 90.48
C ILE A 56 -39.00 10.73 90.88
N SER A 57 -38.98 9.52 90.33
CA SER A 57 -38.01 8.49 90.70
C SER A 57 -36.65 8.72 90.07
N GLY A 58 -36.65 9.36 88.90
CA GLY A 58 -35.43 9.62 88.15
C GLY A 58 -35.03 8.43 87.29
N GLN A 59 -35.96 7.49 87.13
CA GLN A 59 -35.75 6.30 86.31
C GLN A 59 -35.78 6.65 84.81
N LEU A 60 -34.76 6.17 84.10
CA LEU A 60 -34.65 6.38 82.65
C LEU A 60 -35.15 5.14 81.90
N SER A 61 -35.75 5.35 80.73
CA SER A 61 -36.34 4.25 79.95
C SER A 61 -36.29 4.47 78.43
N VAL A 62 -36.15 3.37 77.67
CA VAL A 62 -36.34 3.39 76.22
C VAL A 62 -37.76 2.98 75.87
N THR A 63 -38.30 3.55 74.80
CA THR A 63 -39.70 3.36 74.46
C THR A 63 -39.93 2.49 73.21
N LYS A 64 -38.93 2.45 72.34
CA LYS A 64 -38.95 1.59 71.15
C LYS A 64 -37.58 0.90 70.97
N PRO A 65 -37.47 -0.08 70.04
CA PRO A 65 -36.15 -0.66 69.87
C PRO A 65 -35.20 0.31 69.15
N LEU A 66 -33.91 0.16 69.38
CA LEU A 66 -32.92 1.03 68.77
C LEU A 66 -32.37 0.42 67.48
N ASP A 67 -31.65 1.23 66.70
CA ASP A 67 -31.02 0.80 65.46
C ASP A 67 -29.65 1.47 65.34
N ARG A 68 -28.60 0.67 65.46
CA ARG A 68 -27.22 1.17 65.45
C ARG A 68 -26.87 1.82 64.10
N GLU A 69 -27.43 1.28 63.02
CA GLU A 69 -27.15 1.77 61.69
C GLU A 69 -27.82 3.12 61.43
N LEU A 70 -28.79 3.46 62.27
CA LEU A 70 -29.49 4.73 62.21
C LEU A 70 -28.83 5.77 63.10
N ILE A 71 -28.69 5.45 64.38
CA ILE A 71 -27.92 6.27 65.34
C ILE A 71 -27.18 5.30 66.25
N ALA A 72 -25.90 5.60 66.48
CA ALA A 72 -24.99 4.72 67.19
C ALA A 72 -24.82 5.11 68.64
N ARG A 73 -24.91 6.40 68.91
CA ARG A 73 -24.66 6.90 70.25
C ARG A 73 -25.54 8.12 70.51
N PHE A 74 -26.23 8.09 71.65
CA PHE A 74 -27.07 9.21 72.07
C PHE A 74 -26.38 10.00 73.16
N HIS A 75 -26.44 11.32 73.07
N HIS A 75 -26.44 11.32 73.06
CA HIS A 75 -25.85 12.18 74.08
CA HIS A 75 -25.86 12.23 74.05
C HIS A 75 -26.93 13.02 74.77
C HIS A 75 -26.94 13.03 74.77
N LEU A 76 -27.58 12.42 75.76
CA LEU A 76 -28.56 13.10 76.58
C LEU A 76 -27.85 13.77 77.74
N ARG A 77 -28.46 14.80 78.30
CA ARG A 77 -28.03 15.33 79.60
C ARG A 77 -29.23 15.38 80.55
N ALA A 78 -28.97 15.19 81.84
CA ALA A 78 -30.03 15.06 82.85
C ALA A 78 -30.12 16.27 83.79
N HIS A 79 -31.34 16.63 84.16
CA HIS A 79 -31.62 17.85 84.91
C HIS A 79 -32.26 17.56 86.27
N ALA A 80 -32.07 18.47 87.22
CA ALA A 80 -32.65 18.32 88.56
C ALA A 80 -33.14 19.66 89.12
N VAL A 81 -34.42 19.71 89.49
CA VAL A 81 -35.04 20.92 90.07
C VAL A 81 -36.03 20.58 91.17
N ASP A 82 -35.94 21.29 92.29
CA ASP A 82 -36.90 21.14 93.39
C ASP A 82 -38.26 21.75 93.03
N ILE A 83 -39.29 21.42 93.79
CA ILE A 83 -40.66 21.86 93.47
C ILE A 83 -40.86 23.38 93.56
N ASN A 84 -39.87 24.10 94.08
CA ASN A 84 -39.92 25.56 94.14
C ASN A 84 -39.08 26.23 93.05
N GLY A 85 -38.77 25.47 92.01
CA GLY A 85 -38.12 25.99 90.81
C GLY A 85 -36.61 26.14 90.84
N ASN A 86 -35.98 25.80 91.96
CA ASN A 86 -34.53 25.94 92.05
C ASN A 86 -33.79 24.81 91.36
N GLN A 87 -32.80 25.18 90.54
CA GLN A 87 -31.85 24.23 89.99
C GLN A 87 -30.96 23.74 91.13
N VAL A 88 -31.03 22.45 91.41
CA VAL A 88 -30.28 21.88 92.52
C VAL A 88 -28.96 21.23 92.08
N GLU A 89 -28.93 20.77 90.83
CA GLU A 89 -27.72 20.21 90.22
C GLU A 89 -27.49 20.77 88.83
N ASN A 90 -26.22 20.99 88.49
CA ASN A 90 -25.85 21.33 87.13
C ASN A 90 -26.15 20.15 86.24
N PRO A 91 -26.73 20.42 85.05
CA PRO A 91 -27.09 19.35 84.14
C PRO A 91 -25.88 18.46 83.89
N ILE A 92 -26.12 17.16 83.80
CA ILE A 92 -25.03 16.21 83.71
C ILE A 92 -25.17 15.30 82.50
N ASP A 93 -24.04 15.02 81.85
CA ASP A 93 -24.03 14.27 80.59
C ASP A 93 -24.26 12.78 80.81
N ILE A 94 -25.10 12.20 79.95
CA ILE A 94 -25.41 10.77 80.01
C ILE A 94 -25.45 10.16 78.60
N VAL A 95 -24.74 9.06 78.43
CA VAL A 95 -24.49 8.50 77.10
C VAL A 95 -25.13 7.12 76.91
N ILE A 96 -25.82 6.95 75.79
CA ILE A 96 -26.29 5.62 75.43
C ILE A 96 -25.56 5.15 74.19
N ASN A 97 -24.78 4.09 74.36
CA ASN A 97 -24.14 3.41 73.26
C ASN A 97 -25.06 2.32 72.77
N VAL A 98 -25.44 2.36 71.50
CA VAL A 98 -26.19 1.25 70.94
C VAL A 98 -25.25 0.24 70.30
N ILE A 99 -25.30 -0.97 70.84
CA ILE A 99 -24.36 -2.04 70.54
C ILE A 99 -24.84 -2.85 69.36
N ASP A 100 -23.90 -3.21 68.49
CA ASP A 100 -24.25 -3.81 67.20
C ASP A 100 -24.79 -5.22 67.24
N MET A 101 -25.76 -5.47 66.37
CA MET A 101 -26.28 -6.79 66.09
C MET A 101 -26.13 -7.07 64.60
N ASN A 102 -25.99 -8.34 64.25
CA ASN A 102 -25.83 -8.71 62.86
C ASN A 102 -27.18 -8.79 62.18
N ASP A 103 -27.71 -7.63 61.78
CA ASP A 103 -29.02 -7.56 61.15
C ASP A 103 -28.94 -7.01 59.73
N ASN A 104 -27.73 -6.96 59.18
CA ASN A 104 -27.52 -6.53 57.81
C ASN A 104 -26.73 -7.54 56.99
N ARG A 105 -27.34 -7.99 55.89
CA ARG A 105 -26.66 -8.84 54.93
C ARG A 105 -25.69 -8.00 54.12
N PRO A 106 -24.57 -8.61 53.67
CA PRO A 106 -23.61 -7.90 52.83
C PRO A 106 -24.24 -7.45 51.52
N GLU A 107 -23.77 -6.34 50.97
CA GLU A 107 -24.30 -5.82 49.72
C GLU A 107 -23.18 -5.54 48.74
N PHE A 108 -23.44 -5.81 47.46
CA PHE A 108 -22.47 -5.50 46.42
C PHE A 108 -22.82 -4.19 45.72
N LEU A 109 -21.79 -3.36 45.51
CA LEU A 109 -21.92 -2.08 44.81
C LEU A 109 -22.65 -2.26 43.48
N HIS A 110 -22.10 -3.10 42.61
CA HIS A 110 -22.76 -3.48 41.37
C HIS A 110 -23.34 -4.86 41.54
N GLN A 111 -24.37 -5.19 40.77
CA GLN A 111 -24.91 -6.53 40.73
C GLN A 111 -24.29 -7.34 39.61
N VAL A 112 -23.57 -6.65 38.72
CA VAL A 112 -22.82 -7.31 37.64
C VAL A 112 -21.41 -6.70 37.52
N TRP A 113 -20.41 -7.57 37.56
CA TRP A 113 -19.01 -7.14 37.51
C TRP A 113 -18.34 -7.73 36.28
N ASN A 114 -17.69 -6.86 35.50
CA ASN A 114 -17.05 -7.27 34.26
C ASN A 114 -15.54 -7.42 34.44
N GLY A 115 -14.98 -8.48 33.86
CA GLY A 115 -13.54 -8.73 33.88
C GLY A 115 -13.11 -9.58 32.72
N SER A 116 -11.82 -9.49 32.37
CA SER A 116 -11.30 -10.26 31.24
C SER A 116 -9.94 -10.88 31.53
N VAL A 117 -9.71 -12.06 30.97
CA VAL A 117 -8.47 -12.80 31.14
C VAL A 117 -7.99 -13.34 29.79
N PRO A 118 -6.68 -13.25 29.51
CA PRO A 118 -6.16 -13.85 28.28
C PRO A 118 -6.24 -15.38 28.23
N GLU A 119 -6.29 -15.90 27.01
CA GLU A 119 -6.22 -17.33 26.72
C GLU A 119 -5.02 -18.02 27.36
N GLY A 120 -5.22 -19.28 27.75
CA GLY A 120 -4.18 -20.11 28.35
C GLY A 120 -3.17 -19.42 29.24
N SER A 121 -3.66 -18.64 30.19
CA SER A 121 -2.80 -18.01 31.18
C SER A 121 -2.48 -19.02 32.26
N LYS A 122 -1.24 -18.98 32.76
CA LYS A 122 -0.82 -19.95 33.77
C LYS A 122 -1.78 -19.91 34.97
N PRO A 123 -2.15 -21.09 35.48
CA PRO A 123 -2.91 -21.13 36.72
C PRO A 123 -2.25 -20.26 37.77
N GLY A 124 -3.02 -19.35 38.36
CA GLY A 124 -2.49 -18.40 39.34
C GLY A 124 -2.59 -16.97 38.86
N THR A 125 -3.07 -16.80 37.62
CA THR A 125 -3.21 -15.49 37.01
C THR A 125 -4.38 -14.72 37.61
N TYR A 126 -4.11 -13.51 38.10
CA TYR A 126 -5.14 -12.61 38.60
C TYR A 126 -6.06 -12.19 37.46
N VAL A 127 -7.36 -12.18 37.70
CA VAL A 127 -8.33 -11.77 36.70
C VAL A 127 -8.98 -10.43 37.05
N MET A 128 -9.71 -10.41 38.16
CA MET A 128 -10.48 -9.25 38.58
C MET A 128 -10.69 -9.29 40.09
N THR A 129 -11.36 -8.28 40.63
CA THR A 129 -11.67 -8.25 42.05
C THR A 129 -13.10 -7.78 42.32
N VAL A 130 -13.85 -8.57 43.08
CA VAL A 130 -15.20 -8.20 43.49
C VAL A 130 -15.31 -8.09 45.01
N THR A 131 -15.83 -6.96 45.47
CA THR A 131 -15.93 -6.69 46.91
C THR A 131 -17.33 -6.27 47.32
N ALA A 132 -17.73 -6.71 48.50
CA ALA A 132 -19.00 -6.33 49.08
C ALA A 132 -18.77 -5.46 50.31
N ILE A 133 -19.83 -4.80 50.75
CA ILE A 133 -19.78 -4.01 51.98
C ILE A 133 -20.88 -4.45 52.93
N ASP A 134 -20.64 -4.25 54.22
CA ASP A 134 -21.61 -4.61 55.26
C ASP A 134 -21.97 -3.39 56.11
N ALA A 135 -23.26 -3.05 56.11
CA ALA A 135 -23.75 -1.89 56.86
C ALA A 135 -23.52 -1.98 58.38
N ASP A 136 -23.25 -3.19 58.88
CA ASP A 136 -22.94 -3.42 60.29
C ASP A 136 -21.55 -2.89 60.64
N ASP A 137 -21.12 -3.13 61.88
CA ASP A 137 -19.80 -2.67 62.35
C ASP A 137 -18.67 -3.48 61.72
N PRO A 138 -17.76 -2.80 61.00
CA PRO A 138 -16.59 -3.49 60.46
C PRO A 138 -15.70 -4.05 61.57
N ASN A 139 -15.61 -3.35 62.70
CA ASN A 139 -14.77 -3.77 63.82
C ASN A 139 -15.30 -4.98 64.59
N ALA A 140 -16.51 -5.41 64.25
CA ALA A 140 -17.12 -6.58 64.87
C ALA A 140 -17.30 -7.69 63.84
N LEU A 141 -17.45 -8.92 64.32
CA LEU A 141 -17.67 -10.09 63.47
C LEU A 141 -18.81 -9.87 62.48
N ASN A 142 -19.82 -9.12 62.89
CA ASN A 142 -21.01 -8.85 62.09
C ASN A 142 -20.73 -8.27 60.71
N GLY A 143 -19.69 -7.45 60.61
CA GLY A 143 -19.37 -6.78 59.36
C GLY A 143 -18.11 -7.28 58.69
N MET A 144 -17.65 -8.46 59.10
CA MET A 144 -16.44 -9.05 58.53
C MET A 144 -16.79 -10.10 57.48
N LEU A 145 -16.40 -9.83 56.24
CA LEU A 145 -16.86 -10.59 55.07
C LEU A 145 -15.91 -11.67 54.54
N ARG A 146 -16.48 -12.76 54.04
CA ARG A 146 -15.74 -13.78 53.31
C ARG A 146 -16.41 -14.13 52.00
N TYR A 147 -15.58 -14.45 51.00
CA TYR A 147 -16.06 -14.72 49.65
C TYR A 147 -15.87 -16.17 49.21
N ARG A 148 -16.67 -16.59 48.24
CA ARG A 148 -16.56 -17.90 47.62
C ARG A 148 -17.33 -17.91 46.31
N ILE A 149 -17.06 -18.89 45.46
CA ILE A 149 -17.78 -19.05 44.19
C ILE A 149 -18.85 -20.13 44.33
N LEU A 150 -20.05 -19.81 43.85
CA LEU A 150 -21.19 -20.72 43.95
C LEU A 150 -21.45 -21.51 42.68
N SER A 151 -21.20 -20.90 41.53
CA SER A 151 -21.38 -21.60 40.26
C SER A 151 -20.60 -20.95 39.13
N GLN A 152 -20.28 -21.78 38.13
CA GLN A 152 -19.61 -21.35 36.91
C GLN A 152 -20.40 -21.86 35.72
N ALA A 153 -20.61 -20.99 34.74
CA ALA A 153 -21.26 -21.37 33.49
C ALA A 153 -20.46 -20.84 32.30
N PRO A 154 -20.08 -21.74 31.37
CA PRO A 154 -20.36 -23.18 31.42
C PRO A 154 -19.30 -23.95 32.21
N SER A 155 -19.49 -25.26 32.32
CA SER A 155 -18.65 -26.09 33.19
C SER A 155 -17.40 -26.68 32.53
N THR A 156 -17.08 -26.22 31.33
CA THR A 156 -15.98 -26.79 30.55
C THR A 156 -14.86 -25.77 30.35
N PRO A 157 -13.60 -26.23 30.19
CA PRO A 157 -13.09 -27.61 30.22
C PRO A 157 -13.07 -28.20 31.62
N SER A 158 -12.98 -27.34 32.63
CA SER A 158 -13.07 -27.75 34.02
C SER A 158 -14.21 -27.00 34.70
N PRO A 159 -14.97 -27.67 35.59
CA PRO A 159 -16.02 -27.01 36.39
C PRO A 159 -15.50 -25.82 37.18
N ASN A 160 -14.26 -25.88 37.64
CA ASN A 160 -13.69 -24.88 38.53
C ASN A 160 -12.47 -24.18 37.96
N MET A 161 -12.70 -23.39 36.93
CA MET A 161 -11.60 -22.66 36.28
C MET A 161 -11.01 -21.60 37.20
N PHE A 162 -11.85 -21.01 38.04
CA PHE A 162 -11.42 -19.90 38.88
C PHE A 162 -11.57 -20.25 40.34
N THR A 163 -10.90 -19.47 41.19
CA THR A 163 -11.18 -19.47 42.61
C THR A 163 -11.28 -18.02 43.06
N ILE A 164 -11.35 -17.78 44.37
CA ILE A 164 -11.40 -16.42 44.90
C ILE A 164 -10.77 -16.37 46.29
N ASN A 165 -9.82 -15.45 46.46
CA ASN A 165 -9.15 -15.27 47.74
C ASN A 165 -10.18 -14.78 48.75
N ASN A 166 -10.59 -15.67 49.65
CA ASN A 166 -11.82 -15.44 50.42
C ASN A 166 -11.88 -14.16 51.25
N GLU A 167 -10.76 -13.45 51.36
CA GLU A 167 -10.75 -12.18 52.07
C GLU A 167 -10.71 -10.96 51.14
N THR A 168 -9.76 -10.94 50.21
CA THR A 168 -9.56 -9.78 49.33
C THR A 168 -10.55 -9.73 48.17
N GLY A 169 -11.12 -10.88 47.83
CA GLY A 169 -12.10 -10.95 46.76
C GLY A 169 -11.48 -10.91 45.37
N ASP A 170 -10.16 -11.07 45.30
CA ASP A 170 -9.45 -11.23 44.03
C ASP A 170 -9.84 -12.54 43.38
N ILE A 171 -10.45 -12.49 42.20
CA ILE A 171 -10.74 -13.70 41.43
C ILE A 171 -9.51 -14.11 40.63
N ILE A 172 -8.93 -15.24 41.01
CA ILE A 172 -7.72 -15.77 40.41
C ILE A 172 -8.01 -17.16 39.83
N THR A 173 -7.35 -17.48 38.72
CA THR A 173 -7.61 -18.74 38.02
C THR A 173 -6.80 -19.90 38.60
N VAL A 174 -7.34 -21.12 38.52
CA VAL A 174 -6.69 -22.30 39.09
C VAL A 174 -6.59 -23.51 38.16
N ALA A 175 -7.11 -23.37 36.95
CA ALA A 175 -7.08 -24.46 35.98
C ALA A 175 -6.39 -24.02 34.70
N ALA A 176 -6.23 -24.98 33.80
CA ALA A 176 -5.68 -24.71 32.48
C ALA A 176 -6.67 -25.17 31.41
N GLY A 177 -6.69 -24.43 30.31
CA GLY A 177 -7.58 -24.77 29.21
C GLY A 177 -8.46 -23.59 28.84
N LEU A 178 -8.02 -22.38 29.17
CA LEU A 178 -8.75 -21.19 28.80
C LEU A 178 -8.52 -20.96 27.31
N ASP A 179 -9.47 -21.42 26.50
CA ASP A 179 -9.36 -21.40 25.04
C ASP A 179 -10.50 -20.64 24.42
N ARG A 180 -10.23 -19.40 24.00
CA ARG A 180 -11.22 -18.55 23.37
C ARG A 180 -11.98 -19.25 22.25
N GLU A 181 -11.26 -19.99 21.41
CA GLU A 181 -11.89 -20.66 20.27
C GLU A 181 -12.83 -21.81 20.66
N LYS A 182 -13.01 -22.02 21.96
CA LYS A 182 -13.93 -23.02 22.49
C LYS A 182 -15.00 -22.42 23.40
N VAL A 183 -14.56 -21.79 24.50
CA VAL A 183 -15.45 -21.09 25.42
C VAL A 183 -14.93 -19.68 25.63
N GLN A 184 -15.65 -18.70 25.10
CA GLN A 184 -15.15 -17.34 24.95
C GLN A 184 -15.47 -16.44 26.16
N GLN A 185 -16.37 -16.92 27.03
CA GLN A 185 -16.83 -16.15 28.18
C GLN A 185 -17.42 -17.02 29.28
N TYR A 186 -17.08 -16.70 30.52
CA TYR A 186 -17.56 -17.41 31.70
C TYR A 186 -18.38 -16.48 32.58
N THR A 187 -19.46 -17.03 33.16
CA THR A 187 -20.27 -16.30 34.11
C THR A 187 -20.15 -16.95 35.48
N LEU A 188 -19.82 -16.13 36.48
CA LEU A 188 -19.62 -16.61 37.85
C LEU A 188 -20.59 -15.98 38.83
N ILE A 189 -21.13 -16.81 39.72
CA ILE A 189 -21.93 -16.33 40.84
C ILE A 189 -21.03 -16.26 42.08
N ILE A 190 -20.70 -15.03 42.50
CA ILE A 190 -19.89 -14.81 43.68
C ILE A 190 -20.80 -14.63 44.88
N GLN A 191 -20.39 -15.15 46.04
CA GLN A 191 -21.19 -15.02 47.25
C GLN A 191 -20.42 -14.40 48.40
N ALA A 192 -21.06 -13.46 49.07
CA ALA A 192 -20.47 -12.85 50.25
C ALA A 192 -21.21 -13.32 51.50
N THR A 193 -20.46 -13.78 52.49
CA THR A 193 -21.03 -14.18 53.77
C THR A 193 -20.30 -13.46 54.89
N ASP A 194 -21.05 -12.76 55.73
CA ASP A 194 -20.48 -12.06 56.88
C ASP A 194 -20.20 -13.05 57.99
N MET A 195 -19.94 -12.53 59.19
CA MET A 195 -19.59 -13.35 60.34
C MET A 195 -18.37 -14.21 60.04
N GLU A 196 -17.44 -13.63 59.29
CA GLU A 196 -16.25 -14.32 58.78
C GLU A 196 -16.60 -15.62 58.04
N GLY A 197 -17.57 -15.52 57.14
CA GLY A 197 -17.99 -16.63 56.30
C GLY A 197 -18.51 -17.85 57.05
N ASN A 198 -18.95 -17.65 58.28
CA ASN A 198 -19.51 -18.73 59.07
C ASN A 198 -20.77 -19.28 58.41
N PRO A 199 -20.79 -20.59 58.13
CA PRO A 199 -21.87 -21.20 57.35
C PRO A 199 -23.22 -21.21 58.05
N THR A 200 -23.24 -21.46 59.37
CA THR A 200 -24.51 -21.58 60.08
C THR A 200 -25.04 -20.23 60.57
N TYR A 201 -24.13 -19.34 60.98
CA TYR A 201 -24.50 -18.05 61.57
C TYR A 201 -24.53 -16.87 60.60
N GLY A 202 -23.70 -16.93 59.55
CA GLY A 202 -23.53 -15.81 58.63
C GLY A 202 -24.69 -15.54 57.69
N LEU A 203 -24.90 -14.27 57.40
CA LEU A 203 -25.88 -13.83 56.43
C LEU A 203 -25.18 -13.67 55.09
N SER A 204 -25.83 -14.15 54.03
CA SER A 204 -25.19 -14.22 52.71
C SER A 204 -25.93 -13.44 51.64
N ASN A 205 -25.18 -13.08 50.60
CA ASN A 205 -25.71 -12.34 49.46
C ASN A 205 -24.73 -12.44 48.29
N THR A 206 -25.26 -12.37 47.07
CA THR A 206 -24.46 -12.69 45.88
C THR A 206 -24.31 -11.51 44.92
N ALA A 207 -23.48 -11.72 43.90
CA ALA A 207 -23.41 -10.88 42.71
C ALA A 207 -22.98 -11.73 41.51
N THR A 208 -22.80 -11.11 40.35
CA THR A 208 -22.27 -11.83 39.19
C THR A 208 -20.97 -11.24 38.66
N ALA A 209 -20.03 -12.13 38.35
CA ALA A 209 -18.80 -11.77 37.69
C ALA A 209 -18.82 -12.42 36.30
N VAL A 210 -18.73 -11.59 35.27
CA VAL A 210 -18.72 -12.09 33.90
C VAL A 210 -17.31 -11.93 33.34
N ILE A 211 -16.64 -13.06 33.15
CA ILE A 211 -15.27 -13.05 32.70
C ILE A 211 -15.19 -13.42 31.23
N THR A 212 -14.62 -12.50 30.44
CA THR A 212 -14.42 -12.69 29.02
C THR A 212 -12.98 -13.12 28.79
N VAL A 213 -12.79 -14.15 27.97
CA VAL A 213 -11.46 -14.62 27.63
C VAL A 213 -10.94 -13.91 26.38
N THR A 214 -9.89 -13.12 26.54
CA THR A 214 -9.34 -12.33 25.44
C THR A 214 -8.37 -13.13 24.57
N ASP A 215 -8.41 -12.89 23.26
CA ASP A 215 -7.67 -13.65 22.25
C ASP A 215 -6.14 -13.50 22.31
N VAL A 216 -5.45 -14.55 21.85
CA VAL A 216 -4.00 -14.55 21.65
C VAL A 216 -3.73 -15.26 20.32
N ASN A 217 -2.54 -15.03 19.73
CA ASN A 217 -2.16 -15.71 18.49
C ASN A 217 -1.67 -17.13 18.73
N ASP A 218 -2.59 -18.08 18.64
CA ASP A 218 -2.29 -19.48 18.87
C ASP A 218 -2.77 -20.38 17.72
N ASN A 219 -3.37 -19.78 16.71
CA ASN A 219 -3.67 -20.51 15.49
C ASN A 219 -2.98 -19.89 14.28
N PRO A 220 -2.25 -20.71 13.51
CA PRO A 220 -1.52 -20.20 12.36
C PRO A 220 -2.46 -20.04 11.19
N PRO A 221 -2.11 -19.17 10.22
CA PRO A 221 -2.89 -19.07 9.01
C PRO A 221 -2.72 -20.32 8.17
N GLU A 222 -3.82 -20.86 7.64
CA GLU A 222 -3.78 -22.08 6.84
C GLU A 222 -4.45 -21.87 5.48
N PHE A 223 -3.69 -22.13 4.41
CA PHE A 223 -4.21 -22.01 3.04
C PHE A 223 -5.32 -23.02 2.76
N THR A 224 -6.39 -22.56 2.12
CA THR A 224 -7.55 -23.40 1.79
C THR A 224 -7.18 -24.57 0.86
N ALA A 225 -6.23 -24.32 -0.04
CA ALA A 225 -5.72 -25.36 -0.93
C ALA A 225 -4.20 -25.42 -0.89
N MET A 226 -3.65 -26.59 -1.19
CA MET A 226 -2.20 -26.79 -1.22
C MET A 226 -1.55 -26.03 -2.38
N THR A 227 -2.26 -25.92 -3.50
CA THR A 227 -1.74 -25.23 -4.69
C THR A 227 -2.74 -24.25 -5.33
N PHE A 228 -2.22 -23.13 -5.82
CA PHE A 228 -3.02 -22.09 -6.48
C PHE A 228 -2.54 -21.85 -7.91
N TYR A 229 -3.40 -21.25 -8.74
CA TYR A 229 -3.10 -21.04 -10.16
C TYR A 229 -3.43 -19.63 -10.66
N GLY A 230 -2.53 -19.07 -11.47
CA GLY A 230 -2.71 -17.73 -12.06
C GLY A 230 -2.11 -17.57 -13.45
N GLU A 231 -2.43 -16.45 -14.10
CA GLU A 231 -1.99 -16.18 -15.47
C GLU A 231 -1.56 -14.72 -15.68
N VAL A 232 -0.46 -14.53 -16.41
CA VAL A 232 0.04 -13.17 -16.68
C VAL A 232 0.49 -12.92 -18.13
N PRO A 233 0.10 -11.75 -18.69
CA PRO A 233 0.66 -11.28 -19.95
C PRO A 233 2.08 -10.74 -19.79
N GLU A 234 2.78 -10.69 -20.92
CA GLU A 234 4.11 -10.14 -21.01
C GLU A 234 4.07 -8.63 -20.81
N ASN A 235 5.16 -8.08 -20.29
CA ASN A 235 5.36 -6.62 -20.16
C ASN A 235 4.20 -5.86 -19.49
N ARG A 236 3.77 -6.35 -18.33
CA ARG A 236 2.75 -5.69 -17.52
C ARG A 236 3.31 -5.42 -16.13
N VAL A 237 2.82 -4.37 -15.47
CA VAL A 237 3.46 -3.87 -14.25
C VAL A 237 2.49 -3.55 -13.09
N ASP A 238 1.20 -3.70 -13.32
CA ASP A 238 0.21 -3.55 -12.25
C ASP A 238 -1.01 -4.42 -12.49
N VAL A 239 -0.81 -5.73 -12.46
CA VAL A 239 -1.90 -6.69 -12.69
C VAL A 239 -1.88 -7.79 -11.62
N ILE A 240 -3.06 -8.15 -11.14
CA ILE A 240 -3.20 -9.22 -10.15
C ILE A 240 -3.02 -10.59 -10.80
N VAL A 241 -2.19 -11.42 -10.17
CA VAL A 241 -1.88 -12.74 -10.67
C VAL A 241 -2.82 -13.80 -10.09
N ALA A 242 -2.83 -13.93 -8.75
CA ALA A 242 -3.71 -14.87 -8.06
C ALA A 242 -4.14 -14.37 -6.68
N ASN A 243 -5.29 -14.87 -6.21
CA ASN A 243 -5.80 -14.59 -4.86
C ASN A 243 -5.57 -15.77 -3.94
N LEU A 244 -4.62 -15.64 -3.02
CA LEU A 244 -4.29 -16.71 -2.09
C LEU A 244 -5.26 -16.69 -0.92
N THR A 245 -5.97 -17.80 -0.75
CA THR A 245 -7.07 -17.85 0.20
C THR A 245 -6.73 -18.67 1.47
N VAL A 246 -6.85 -18.01 2.63
CA VAL A 246 -6.44 -18.58 3.93
C VAL A 246 -7.55 -18.61 4.99
N THR A 247 -7.37 -19.47 6.00
CA THR A 247 -8.22 -19.50 7.19
C THR A 247 -7.38 -19.36 8.46
N ASP A 248 -7.81 -18.48 9.34
CA ASP A 248 -7.19 -18.29 10.65
C ASP A 248 -8.27 -18.43 11.71
N LYS A 249 -8.03 -19.30 12.68
CA LYS A 249 -9.05 -19.63 13.68
C LYS A 249 -9.16 -18.61 14.81
N ASP A 250 -8.17 -17.71 14.90
CA ASP A 250 -8.19 -16.62 15.88
C ASP A 250 -9.26 -15.57 15.57
N GLN A 251 -9.24 -14.45 16.29
CA GLN A 251 -10.30 -13.45 16.18
C GLN A 251 -10.18 -12.56 14.94
N PRO A 252 -11.22 -12.56 14.09
CA PRO A 252 -11.23 -11.73 12.88
C PRO A 252 -10.71 -10.32 13.11
N HIS A 253 -9.86 -9.89 12.18
CA HIS A 253 -9.37 -8.51 12.10
C HIS A 253 -8.53 -8.03 13.28
N THR A 254 -8.17 -8.98 14.16
CA THR A 254 -7.11 -8.73 15.13
C THR A 254 -5.78 -9.01 14.43
N PRO A 255 -4.70 -8.30 14.83
CA PRO A 255 -3.35 -8.60 14.37
C PRO A 255 -2.99 -10.10 14.40
N ALA A 256 -3.62 -10.85 15.29
CA ALA A 256 -3.38 -12.28 15.43
C ALA A 256 -4.19 -13.11 14.46
N TRP A 257 -4.92 -12.42 13.57
CA TRP A 257 -5.72 -13.06 12.54
C TRP A 257 -5.29 -12.54 11.19
N ASN A 258 -4.79 -11.30 11.19
CA ASN A 258 -4.29 -10.68 9.97
C ASN A 258 -3.11 -11.44 9.40
N ALA A 259 -3.17 -11.70 8.10
CA ALA A 259 -2.15 -12.48 7.40
C ALA A 259 -0.97 -11.64 6.93
N ALA A 260 0.22 -12.22 6.97
CA ALA A 260 1.44 -11.56 6.52
C ALA A 260 2.23 -12.52 5.63
N TYR A 261 2.13 -12.30 4.32
CA TYR A 261 2.75 -13.19 3.34
C TYR A 261 4.08 -12.67 2.86
N ARG A 262 4.95 -13.60 2.46
CA ARG A 262 6.17 -13.28 1.72
C ARG A 262 6.51 -14.43 0.79
N ILE A 263 7.13 -14.10 -0.34
CA ILE A 263 7.50 -15.09 -1.35
C ILE A 263 8.86 -15.68 -0.98
N SER A 264 8.84 -16.92 -0.53
CA SER A 264 10.03 -17.58 0.02
C SER A 264 11.01 -18.02 -1.06
N GLY A 265 10.52 -18.13 -2.30
CA GLY A 265 11.34 -18.53 -3.44
C GLY A 265 10.50 -18.80 -4.66
N GLY A 266 11.16 -19.03 -5.79
CA GLY A 266 10.49 -19.24 -7.07
C GLY A 266 10.57 -18.02 -7.95
N ASP A 267 10.96 -16.89 -7.36
CA ASP A 267 11.15 -15.64 -8.09
C ASP A 267 12.41 -14.93 -7.56
N PRO A 268 13.59 -15.36 -8.03
CA PRO A 268 14.86 -14.83 -7.52
C PRO A 268 15.17 -13.42 -8.05
N THR A 269 14.29 -12.89 -8.87
CA THR A 269 14.54 -11.65 -9.60
C THR A 269 13.58 -10.50 -9.24
N GLY A 270 12.59 -10.79 -8.40
CA GLY A 270 11.67 -9.77 -7.89
C GLY A 270 10.64 -9.27 -8.88
N ARG A 271 10.07 -10.20 -9.64
CA ARG A 271 9.01 -9.87 -10.59
C ARG A 271 7.66 -9.64 -9.92
N PHE A 272 7.43 -10.34 -8.80
CA PHE A 272 6.17 -10.27 -8.09
C PHE A 272 6.32 -9.67 -6.70
N ALA A 273 5.25 -9.05 -6.23
CA ALA A 273 5.18 -8.53 -4.87
C ALA A 273 3.84 -8.95 -4.26
N ILE A 274 3.81 -9.03 -2.94
CA ILE A 274 2.59 -9.48 -2.26
C ILE A 274 2.11 -8.53 -1.16
N LEU A 275 0.79 -8.27 -1.18
CA LEU A 275 0.13 -7.41 -0.21
C LEU A 275 -1.11 -8.11 0.32
N THR A 276 -1.41 -7.90 1.60
CA THR A 276 -2.55 -8.53 2.25
C THR A 276 -3.82 -7.68 2.12
N ASP A 277 -4.87 -8.27 1.58
CA ASP A 277 -6.17 -7.62 1.45
C ASP A 277 -6.76 -7.35 2.83
N PRO A 278 -6.92 -6.06 3.20
CA PRO A 278 -7.33 -5.70 4.56
C PRO A 278 -8.60 -6.40 5.02
N ASN A 279 -9.60 -6.46 4.14
CA ASN A 279 -10.91 -7.00 4.51
C ASN A 279 -11.05 -8.52 4.42
N SER A 280 -10.67 -9.08 3.26
CA SER A 280 -10.88 -10.50 2.98
C SER A 280 -9.79 -11.41 3.53
N ASN A 281 -8.69 -10.80 4.00
CA ASN A 281 -7.49 -11.52 4.43
C ASN A 281 -6.98 -12.48 3.36
N ASP A 282 -6.68 -11.93 2.19
CA ASP A 282 -6.20 -12.70 1.06
C ASP A 282 -4.82 -12.26 0.65
N GLY A 283 -4.07 -13.18 0.05
CA GLY A 283 -2.75 -12.88 -0.49
C GLY A 283 -2.87 -12.45 -1.93
N LEU A 284 -2.82 -11.14 -2.15
CA LEU A 284 -2.89 -10.60 -3.50
C LEU A 284 -1.49 -10.52 -4.09
N VAL A 285 -1.21 -11.43 -5.03
CA VAL A 285 0.07 -11.43 -5.73
C VAL A 285 -0.07 -10.60 -6.99
N THR A 286 0.81 -9.61 -7.12
CA THR A 286 0.75 -8.67 -8.23
C THR A 286 2.10 -8.55 -8.95
N VAL A 287 2.05 -8.44 -10.28
CA VAL A 287 3.24 -8.25 -11.09
C VAL A 287 3.79 -6.85 -10.86
N VAL A 288 4.92 -6.75 -10.16
CA VAL A 288 5.48 -5.46 -9.79
C VAL A 288 6.57 -5.03 -10.79
N LYS A 289 7.18 -6.00 -11.47
CA LYS A 289 8.17 -5.76 -12.52
C LYS A 289 7.87 -6.66 -13.73
N PRO A 290 7.98 -6.10 -14.95
CA PRO A 290 7.48 -6.77 -16.17
C PRO A 290 8.27 -8.03 -16.52
N ILE A 291 7.59 -9.00 -17.12
CA ILE A 291 8.22 -10.28 -17.43
C ILE A 291 8.39 -10.50 -18.94
N ASP A 292 9.37 -11.32 -19.30
CA ASP A 292 9.61 -11.68 -20.70
C ASP A 292 9.34 -13.17 -20.92
N PHE A 293 8.37 -13.49 -21.77
CA PHE A 293 7.95 -14.87 -22.00
C PHE A 293 9.07 -15.74 -22.55
N GLU A 294 9.92 -15.14 -23.38
CA GLU A 294 10.97 -15.88 -24.07
C GLU A 294 12.16 -16.18 -23.17
N THR A 295 12.13 -15.65 -21.95
CA THR A 295 13.11 -16.01 -20.92
C THR A 295 12.49 -16.89 -19.84
N ASN A 296 11.18 -16.72 -19.61
CA ASN A 296 10.42 -17.50 -18.63
C ASN A 296 8.99 -17.79 -19.09
N ARG A 297 8.69 -19.06 -19.30
CA ARG A 297 7.35 -19.47 -19.78
C ARG A 297 6.41 -19.84 -18.64
N MET A 298 6.98 -20.23 -17.50
CA MET A 298 6.21 -20.67 -16.34
C MET A 298 6.92 -20.24 -15.06
N PHE A 299 6.13 -19.85 -14.06
CA PHE A 299 6.67 -19.57 -12.73
C PHE A 299 6.09 -20.53 -11.70
N VAL A 300 6.98 -21.08 -10.88
CA VAL A 300 6.58 -21.91 -9.75
C VAL A 300 7.17 -21.29 -8.49
N LEU A 301 6.31 -20.65 -7.70
CA LEU A 301 6.76 -19.95 -6.50
C LEU A 301 6.06 -20.39 -5.20
N THR A 302 6.89 -20.58 -4.18
CA THR A 302 6.42 -20.92 -2.83
C THR A 302 6.20 -19.66 -2.00
N VAL A 303 5.11 -19.64 -1.25
CA VAL A 303 4.73 -18.47 -0.47
C VAL A 303 4.33 -18.86 0.96
N ALA A 304 4.95 -18.19 1.94
CA ALA A 304 4.77 -18.51 3.35
C ALA A 304 3.82 -17.55 4.04
N ALA A 305 2.92 -18.12 4.86
CA ALA A 305 1.96 -17.34 5.63
C ALA A 305 2.41 -17.15 7.08
N GLU A 306 1.83 -16.14 7.74
CA GLU A 306 2.18 -15.75 9.10
C GLU A 306 1.17 -14.71 9.58
N ASN A 307 1.28 -14.29 10.84
CA ASN A 307 0.47 -13.20 11.36
C ASN A 307 1.32 -11.99 11.71
N GLN A 308 0.67 -10.86 11.95
CA GLN A 308 1.37 -9.60 12.24
C GLN A 308 2.10 -9.65 13.57
N VAL A 309 1.58 -10.44 14.49
CA VAL A 309 2.15 -10.63 15.82
C VAL A 309 2.59 -12.11 15.93
N PRO A 310 3.76 -12.37 16.55
CA PRO A 310 4.32 -13.73 16.70
C PRO A 310 3.33 -14.78 17.17
N LEU A 311 3.57 -16.03 16.76
CA LEU A 311 2.76 -17.18 17.16
C LEU A 311 3.07 -17.58 18.61
N ALA A 312 2.13 -18.24 19.26
CA ALA A 312 2.29 -18.65 20.66
C ALA A 312 3.34 -19.74 20.84
N LYS A 313 3.88 -19.81 22.05
CA LYS A 313 5.00 -20.67 22.41
C LYS A 313 5.00 -22.10 21.84
N GLY A 314 4.08 -22.94 22.31
CA GLY A 314 4.13 -24.38 22.01
C GLY A 314 3.47 -24.85 20.73
N ILE A 315 2.94 -23.93 19.94
CA ILE A 315 2.19 -24.29 18.74
C ILE A 315 3.12 -24.59 17.56
N GLN A 316 2.76 -25.61 16.79
CA GLN A 316 3.54 -26.05 15.63
C GLN A 316 3.26 -25.20 14.41
N HIS A 317 4.31 -24.95 13.62
CA HIS A 317 4.16 -24.37 12.29
C HIS A 317 3.82 -25.51 11.32
N PRO A 318 2.60 -25.52 10.78
CA PRO A 318 2.13 -26.64 9.98
C PRO A 318 2.73 -26.62 8.57
N PRO A 319 2.57 -27.72 7.80
CA PRO A 319 2.89 -27.65 6.38
C PRO A 319 1.90 -26.74 5.63
N GLN A 320 0.66 -26.71 6.11
CA GLN A 320 -0.42 -25.95 5.48
C GLN A 320 -0.26 -24.42 5.64
N SER A 321 0.84 -24.00 6.26
CA SER A 321 1.20 -22.59 6.31
C SER A 321 1.99 -22.17 5.08
N THR A 322 2.24 -23.15 4.20
CA THR A 322 2.99 -22.92 2.98
C THR A 322 2.24 -23.49 1.78
N ALA A 323 1.93 -22.64 0.82
CA ALA A 323 1.30 -23.05 -0.43
C ALA A 323 2.18 -22.68 -1.62
N THR A 324 1.88 -23.27 -2.78
CA THR A 324 2.68 -23.06 -3.97
C THR A 324 1.78 -22.65 -5.14
N VAL A 325 2.17 -21.56 -5.79
CA VAL A 325 1.38 -21.00 -6.90
C VAL A 325 2.09 -21.22 -8.24
N SER A 326 1.34 -21.77 -9.19
CA SER A 326 1.83 -22.00 -10.54
C SER A 326 1.35 -20.90 -11.49
N VAL A 327 2.28 -20.06 -11.93
CA VAL A 327 1.96 -18.93 -12.80
C VAL A 327 2.18 -19.30 -14.27
N THR A 328 1.09 -19.69 -14.95
CA THR A 328 1.12 -19.95 -16.38
C THR A 328 1.17 -18.61 -17.10
N VAL A 329 2.10 -18.48 -18.06
CA VAL A 329 2.29 -17.21 -18.77
C VAL A 329 1.70 -17.25 -20.18
N ILE A 330 0.83 -16.28 -20.49
CA ILE A 330 0.28 -16.14 -21.83
C ILE A 330 1.20 -15.30 -22.72
N ASP A 331 1.60 -15.89 -23.85
CA ASP A 331 2.52 -15.27 -24.80
C ASP A 331 1.79 -14.35 -25.78
N VAL A 332 2.37 -13.18 -26.03
CA VAL A 332 1.80 -12.21 -26.97
C VAL A 332 2.68 -12.01 -28.19
N ASN A 333 2.06 -11.64 -29.31
CA ASN A 333 2.75 -11.35 -30.56
C ASN A 333 3.50 -10.01 -30.45
N GLU A 334 4.74 -9.98 -30.96
CA GLU A 334 5.60 -8.81 -30.82
C GLU A 334 6.29 -8.41 -32.14
N ASN A 335 6.69 -7.13 -32.21
CA ASN A 335 7.29 -6.55 -33.42
C ASN A 335 8.58 -7.25 -33.86
N PRO A 336 8.74 -7.44 -35.19
CA PRO A 336 10.03 -7.87 -35.71
C PRO A 336 10.99 -6.70 -35.91
N TYR A 337 12.29 -6.97 -35.80
CA TYR A 337 13.30 -5.94 -36.04
C TYR A 337 14.52 -6.46 -36.81
N PHE A 338 15.55 -5.62 -36.94
CA PHE A 338 16.59 -5.78 -37.95
C PHE A 338 17.99 -5.59 -37.36
N ALA A 339 18.95 -6.38 -37.85
CA ALA A 339 20.33 -6.36 -37.32
C ALA A 339 20.95 -4.95 -37.29
N PRO A 340 21.10 -4.29 -38.46
CA PRO A 340 21.28 -2.84 -38.42
C PRO A 340 19.95 -2.11 -38.62
N ASN A 341 19.79 -0.95 -37.99
CA ASN A 341 18.58 -0.16 -38.18
C ASN A 341 18.57 0.62 -39.50
N PRO A 342 19.52 1.57 -39.69
CA PRO A 342 19.63 2.20 -40.99
C PRO A 342 20.77 1.55 -41.80
N LYS A 343 20.48 0.39 -42.39
CA LYS A 343 21.45 -0.38 -43.17
C LYS A 343 22.22 0.51 -44.17
N ILE A 344 23.49 0.76 -43.87
CA ILE A 344 24.35 1.57 -44.73
C ILE A 344 25.16 0.70 -45.68
N ILE A 345 25.04 1.00 -46.98
CA ILE A 345 25.76 0.27 -48.02
C ILE A 345 26.37 1.23 -49.05
N ARG A 346 27.65 1.04 -49.34
CA ARG A 346 28.35 1.82 -50.37
C ARG A 346 28.16 1.18 -51.74
N GLN A 347 27.81 2.00 -52.73
CA GLN A 347 27.55 1.51 -54.09
C GLN A 347 27.90 2.55 -55.16
N GLU A 348 28.62 2.13 -56.20
CA GLU A 348 28.93 2.99 -57.33
C GLU A 348 27.63 3.34 -58.05
N GLU A 349 27.67 4.42 -58.84
CA GLU A 349 26.46 5.05 -59.38
C GLU A 349 25.84 4.19 -60.51
N GLY A 350 26.48 4.18 -61.68
CA GLY A 350 25.98 3.43 -62.83
C GLY A 350 25.97 1.94 -62.62
N LEU A 351 24.78 1.36 -62.50
CA LEU A 351 24.63 -0.08 -62.27
C LEU A 351 23.43 -0.63 -63.01
N HIS A 352 23.56 -1.88 -63.48
CA HIS A 352 22.50 -2.58 -64.21
C HIS A 352 21.17 -2.62 -63.47
N ALA A 353 20.10 -2.77 -64.25
CA ALA A 353 18.78 -3.03 -63.69
C ALA A 353 18.61 -4.53 -63.49
N GLY A 354 18.70 -4.97 -62.24
CA GLY A 354 18.61 -6.39 -61.89
C GLY A 354 19.77 -6.89 -61.06
N THR A 355 20.64 -5.98 -60.63
CA THR A 355 21.77 -6.32 -59.78
C THR A 355 21.33 -6.42 -58.32
N MET A 356 21.72 -7.51 -57.66
CA MET A 356 21.43 -7.71 -56.24
C MET A 356 22.42 -6.88 -55.41
N LEU A 357 21.91 -5.82 -54.78
CA LEU A 357 22.75 -4.91 -54.00
C LEU A 357 23.16 -5.55 -52.67
N THR A 358 22.18 -5.72 -51.79
CA THR A 358 22.37 -6.31 -50.47
C THR A 358 21.07 -6.93 -49.97
N THR A 359 21.18 -7.87 -49.03
CA THR A 359 20.03 -8.51 -48.42
C THR A 359 19.73 -7.86 -47.07
N LEU A 360 18.44 -7.73 -46.75
CA LEU A 360 18.01 -7.15 -45.47
C LEU A 360 17.61 -8.20 -44.44
N THR A 361 18.40 -8.28 -43.36
CA THR A 361 18.14 -9.22 -42.28
C THR A 361 17.11 -8.66 -41.30
N ALA A 362 16.15 -9.50 -40.93
CA ALA A 362 15.15 -9.17 -39.92
C ALA A 362 14.79 -10.38 -39.09
N GLN A 363 14.72 -10.18 -37.77
CA GLN A 363 14.42 -11.26 -36.83
C GLN A 363 13.27 -10.92 -35.87
N ASP A 364 12.85 -11.92 -35.09
CA ASP A 364 11.68 -11.81 -34.22
C ASP A 364 11.97 -12.41 -32.83
N PRO A 365 11.53 -11.74 -31.75
CA PRO A 365 11.72 -12.25 -30.38
C PRO A 365 10.99 -13.56 -30.09
N ASP A 366 9.83 -13.76 -30.71
CA ASP A 366 8.97 -14.93 -30.46
C ASP A 366 9.63 -16.25 -30.88
N ARG A 367 10.41 -16.82 -29.97
CA ARG A 367 11.18 -18.04 -30.23
C ARG A 367 10.35 -19.31 -30.24
N TYR A 368 9.13 -19.24 -29.72
CA TYR A 368 8.26 -20.42 -29.59
C TYR A 368 7.09 -20.44 -30.58
N MET A 369 6.77 -19.28 -31.15
CA MET A 369 5.83 -19.21 -32.26
C MET A 369 6.53 -18.73 -33.53
N GLN A 370 6.91 -19.68 -34.38
CA GLN A 370 7.60 -19.38 -35.64
C GLN A 370 6.61 -18.86 -36.68
N GLN A 371 7.01 -17.80 -37.39
CA GLN A 371 6.10 -17.03 -38.23
C GLN A 371 6.67 -16.69 -39.61
N ASN A 372 5.80 -16.21 -40.49
CA ASN A 372 6.18 -15.69 -41.80
C ASN A 372 6.65 -14.25 -41.73
N ILE A 373 7.87 -14.02 -42.23
CA ILE A 373 8.42 -12.67 -42.33
C ILE A 373 8.01 -12.08 -43.68
N ARG A 374 7.30 -10.95 -43.62
CA ARG A 374 6.73 -10.33 -44.82
C ARG A 374 7.49 -9.05 -45.20
N TYR A 375 8.46 -9.19 -46.11
CA TYR A 375 9.20 -8.03 -46.63
C TYR A 375 8.44 -7.39 -47.79
N THR A 376 8.05 -6.13 -47.63
CA THR A 376 7.29 -5.41 -48.65
C THR A 376 7.77 -3.97 -48.89
N LYS A 377 7.40 -3.44 -50.05
CA LYS A 377 7.69 -2.06 -50.45
C LYS A 377 7.05 -1.07 -49.48
N LEU A 378 7.73 0.05 -49.24
CA LEU A 378 7.16 1.13 -48.43
C LEU A 378 7.23 2.48 -49.15
N SER A 379 8.37 3.16 -49.04
CA SER A 379 8.52 4.51 -49.60
C SER A 379 9.87 4.79 -50.25
N ASP A 380 9.91 4.63 -51.57
CA ASP A 380 11.05 5.09 -52.37
C ASP A 380 10.57 5.96 -53.55
N PRO A 381 10.79 7.29 -53.44
CA PRO A 381 10.27 8.26 -54.43
C PRO A 381 10.79 8.07 -55.85
N ALA A 382 11.58 7.02 -56.09
CA ALA A 382 12.19 6.77 -57.39
C ALA A 382 11.79 5.45 -58.05
N ASN A 383 11.35 4.49 -57.23
CA ASN A 383 10.99 3.14 -57.70
C ASN A 383 12.15 2.39 -58.36
N TRP A 384 13.35 2.53 -57.81
CA TRP A 384 14.52 1.82 -58.30
C TRP A 384 14.73 0.48 -57.58
N LEU A 385 13.86 0.19 -56.61
CA LEU A 385 14.08 -0.92 -55.68
C LEU A 385 12.95 -1.96 -55.65
N LYS A 386 13.34 -3.23 -55.68
CA LYS A 386 12.41 -4.36 -55.59
C LYS A 386 12.84 -5.30 -54.47
N ILE A 387 11.86 -5.91 -53.81
CA ILE A 387 12.11 -6.87 -52.72
C ILE A 387 11.03 -7.96 -52.70
N ASP A 388 11.45 -9.21 -52.51
CA ASP A 388 10.52 -10.33 -52.47
C ASP A 388 10.29 -10.83 -51.02
N PRO A 389 9.07 -11.30 -50.72
CA PRO A 389 8.65 -11.70 -49.36
C PRO A 389 9.48 -12.82 -48.71
N VAL A 390 9.71 -13.91 -49.45
CA VAL A 390 10.41 -15.09 -48.91
C VAL A 390 11.88 -14.81 -48.57
N ASN A 391 12.59 -14.14 -49.48
CA ASN A 391 14.03 -13.94 -49.37
C ASN A 391 14.45 -12.68 -48.59
N GLY A 392 13.84 -11.54 -48.95
CA GLY A 392 14.23 -10.25 -48.37
C GLY A 392 15.41 -9.62 -49.10
N GLN A 393 15.84 -10.25 -50.19
CA GLN A 393 16.92 -9.74 -51.03
C GLN A 393 16.45 -8.52 -51.80
N ILE A 394 17.37 -7.58 -52.04
CA ILE A 394 17.04 -6.37 -52.80
C ILE A 394 17.77 -6.33 -54.14
N THR A 395 16.99 -6.19 -55.22
CA THR A 395 17.51 -6.07 -56.57
C THR A 395 17.02 -4.78 -57.23
N THR A 396 17.83 -4.23 -58.13
CA THR A 396 17.52 -2.96 -58.79
C THR A 396 16.47 -3.08 -59.89
N ILE A 397 15.59 -2.09 -59.95
CA ILE A 397 14.57 -1.99 -61.01
C ILE A 397 15.07 -1.11 -62.16
N ALA A 398 15.71 0.00 -61.82
CA ALA A 398 16.22 0.95 -62.81
C ALA A 398 17.69 1.31 -62.58
N VAL A 399 18.23 2.14 -63.47
CA VAL A 399 19.59 2.67 -63.31
C VAL A 399 19.62 3.75 -62.24
N LEU A 400 20.65 3.69 -61.39
CA LEU A 400 20.72 4.53 -60.20
C LEU A 400 21.51 5.81 -60.46
N ASP A 401 20.78 6.90 -60.72
CA ASP A 401 21.37 8.19 -61.07
C ASP A 401 21.46 9.12 -59.85
N ARG A 402 22.68 9.41 -59.41
CA ARG A 402 22.90 10.21 -58.20
C ARG A 402 22.68 11.72 -58.41
N GLU A 403 22.83 12.18 -59.66
CA GLU A 403 22.53 13.57 -60.00
C GLU A 403 21.05 13.75 -60.33
N SER A 404 20.21 13.50 -59.34
CA SER A 404 18.77 13.56 -59.49
C SER A 404 18.15 14.37 -58.35
N PRO A 405 17.08 15.14 -58.66
CA PRO A 405 16.25 15.75 -57.62
C PRO A 405 15.43 14.71 -56.85
N ASN A 406 15.70 13.44 -57.13
CA ASN A 406 15.13 12.31 -56.39
C ASN A 406 16.11 11.85 -55.32
N VAL A 407 17.37 12.27 -55.47
CA VAL A 407 18.43 12.01 -54.50
C VAL A 407 19.06 13.36 -54.12
N LYS A 408 18.28 14.18 -53.42
CA LYS A 408 18.67 15.55 -53.07
C LYS A 408 20.03 15.62 -52.36
N ASN A 409 20.16 14.90 -51.25
CA ASN A 409 21.44 14.79 -50.59
C ASN A 409 22.19 13.62 -51.22
N ASN A 410 23.51 13.58 -50.99
CA ASN A 410 24.43 12.61 -51.59
C ASN A 410 23.98 11.14 -51.51
N ILE A 411 23.07 10.83 -50.59
CA ILE A 411 22.58 9.46 -50.41
C ILE A 411 21.07 9.32 -50.62
N TYR A 412 20.64 8.10 -50.91
CA TYR A 412 19.23 7.81 -51.16
C TYR A 412 18.60 7.07 -49.99
N ASN A 413 17.47 7.59 -49.51
CA ASN A 413 16.75 7.03 -48.38
C ASN A 413 15.58 6.13 -48.81
N ALA A 414 15.48 4.96 -48.20
CA ALA A 414 14.41 4.01 -48.51
C ALA A 414 13.93 3.23 -47.28
N THR A 415 12.61 3.16 -47.13
CA THR A 415 11.99 2.49 -45.98
C THR A 415 11.36 1.15 -46.39
N PHE A 416 11.36 0.20 -45.45
CA PHE A 416 10.82 -1.15 -45.70
C PHE A 416 10.03 -1.67 -44.51
N LEU A 417 9.03 -2.52 -44.78
CA LEU A 417 8.22 -3.13 -43.73
C LEU A 417 8.41 -4.63 -43.63
N ALA A 418 8.50 -5.12 -42.39
CA ALA A 418 8.48 -6.54 -42.09
C ALA A 418 7.28 -6.84 -41.21
N SER A 419 6.36 -7.67 -41.69
CA SER A 419 5.08 -7.91 -41.01
C SER A 419 4.88 -9.36 -40.55
N ASP A 420 4.08 -9.52 -39.50
CA ASP A 420 3.78 -10.83 -38.90
C ASP A 420 2.45 -11.39 -39.38
N ASN A 421 2.44 -12.69 -39.66
CA ASN A 421 1.21 -13.39 -40.02
C ASN A 421 0.43 -13.89 -38.79
N GLY A 422 0.81 -13.38 -37.62
CA GLY A 422 0.14 -13.69 -36.36
C GLY A 422 -1.22 -13.05 -36.27
N ILE A 423 -2.06 -13.57 -35.37
CA ILE A 423 -3.44 -13.10 -35.19
C ILE A 423 -3.52 -11.59 -34.87
N PRO A 424 -2.73 -11.11 -33.88
CA PRO A 424 -2.50 -9.66 -33.81
C PRO A 424 -1.22 -9.29 -34.57
N PRO A 425 -1.34 -8.88 -35.85
CA PRO A 425 -0.18 -8.71 -36.72
C PRO A 425 0.67 -7.49 -36.37
N MET A 426 1.98 -7.71 -36.19
CA MET A 426 2.90 -6.65 -35.82
C MET A 426 3.84 -6.34 -36.99
N SER A 427 4.54 -5.22 -36.92
CA SER A 427 5.43 -4.78 -38.00
C SER A 427 6.53 -3.82 -37.54
N GLY A 428 7.68 -3.90 -38.20
CA GLY A 428 8.82 -3.01 -37.91
C GLY A 428 9.35 -2.34 -39.17
N THR A 429 9.69 -1.05 -39.05
CA THR A 429 10.11 -0.24 -40.19
C THR A 429 11.63 -0.10 -40.30
N GLY A 430 12.19 -0.77 -41.30
CA GLY A 430 13.62 -0.75 -41.56
C GLY A 430 14.05 0.30 -42.57
N THR A 431 15.22 0.88 -42.33
CA THR A 431 15.76 1.92 -43.20
C THR A 431 16.99 1.41 -43.96
N LEU A 432 17.08 1.77 -45.23
CA LEU A 432 18.28 1.54 -46.01
C LEU A 432 18.76 2.85 -46.65
N GLN A 433 19.97 3.25 -46.30
CA GLN A 433 20.59 4.45 -46.84
C GLN A 433 21.86 4.08 -47.59
N ILE A 434 21.90 4.39 -48.88
CA ILE A 434 23.00 3.97 -49.75
C ILE A 434 23.85 5.13 -50.27
N TYR A 435 25.16 5.01 -50.07
CA TYR A 435 26.12 6.01 -50.51
C TYR A 435 26.49 5.82 -51.98
N LEU A 436 26.16 6.82 -52.79
CA LEU A 436 26.38 6.75 -54.23
C LEU A 436 27.61 7.55 -54.64
N LEU A 437 28.64 6.85 -55.11
CA LEU A 437 29.88 7.49 -55.56
C LEU A 437 29.71 8.06 -56.96
N ASP A 438 30.11 9.32 -57.12
CA ASP A 438 29.99 10.02 -58.40
C ASP A 438 31.02 9.55 -59.41
N ILE A 439 30.53 8.96 -60.51
CA ILE A 439 31.37 8.60 -61.64
C ILE A 439 31.20 9.64 -62.76
N ASN A 440 32.21 9.76 -63.61
CA ASN A 440 32.13 10.68 -64.73
C ASN A 440 31.26 10.12 -65.85
N ASP A 441 29.97 10.44 -65.78
CA ASP A 441 28.99 9.99 -66.76
C ASP A 441 28.06 11.12 -67.22
N ASN A 442 28.57 12.34 -67.13
CA ASN A 442 27.86 13.51 -67.66
C ASN A 442 28.75 14.31 -68.60
N ALA A 443 28.28 14.48 -69.83
CA ALA A 443 28.99 15.26 -70.83
C ALA A 443 28.86 16.74 -70.53
N PRO A 444 29.99 17.48 -70.56
CA PRO A 444 29.99 18.93 -70.33
C PRO A 444 29.21 19.69 -71.39
N GLN A 445 28.53 20.77 -70.98
CA GLN A 445 27.79 21.62 -71.89
C GLN A 445 28.33 23.05 -71.83
N VAL A 446 27.94 23.86 -72.80
CA VAL A 446 28.36 25.27 -72.82
C VAL A 446 27.37 26.13 -72.02
N LEU A 447 27.90 26.92 -71.09
CA LEU A 447 27.08 27.73 -70.17
C LEU A 447 26.35 28.89 -70.86
N PRO A 448 27.08 29.80 -71.53
CA PRO A 448 26.35 30.80 -72.32
C PRO A 448 25.79 30.13 -73.58
N GLN A 449 24.60 29.54 -73.44
CA GLN A 449 23.96 28.80 -74.51
C GLN A 449 23.51 29.73 -75.63
N GLU A 450 23.07 30.94 -75.27
CA GLU A 450 22.60 31.93 -76.23
C GLU A 450 23.43 33.22 -76.15
N ALA A 451 24.74 33.09 -76.37
CA ALA A 451 25.64 34.24 -76.43
C ALA A 451 25.68 34.81 -77.85
N GLU A 452 25.25 36.06 -77.98
CA GLU A 452 25.09 36.69 -79.29
C GLU A 452 25.59 38.13 -79.29
N THR A 453 26.61 38.40 -80.12
CA THR A 453 27.19 39.74 -80.24
C THR A 453 27.40 40.15 -81.71
N CYS A 454 27.47 41.45 -81.95
CA CYS A 454 27.61 42.01 -83.32
C CYS A 454 29.01 41.81 -83.92
N GLU A 455 29.16 42.18 -85.19
CA GLU A 455 30.41 41.96 -85.94
C GLU A 455 31.54 42.92 -85.54
N THR A 456 31.97 42.80 -84.28
CA THR A 456 33.12 43.51 -83.76
C THR A 456 34.21 42.48 -83.49
N PRO A 457 35.32 42.54 -84.24
CA PRO A 457 36.50 41.71 -83.93
C PRO A 457 37.19 42.15 -82.64
N GLU A 458 36.39 42.30 -81.59
CA GLU A 458 36.81 42.75 -80.27
C GLU A 458 37.63 41.65 -79.58
N PRO A 459 38.82 42.00 -79.05
CA PRO A 459 39.80 41.07 -78.48
C PRO A 459 39.23 40.04 -77.49
N ASN A 460 38.15 40.41 -76.81
CA ASN A 460 37.47 39.52 -75.88
C ASN A 460 35.95 39.81 -75.81
N SER A 461 35.22 39.32 -76.80
CA SER A 461 33.77 39.51 -76.88
C SER A 461 33.00 38.41 -76.14
N ILE A 462 33.33 37.16 -76.44
CA ILE A 462 32.58 36.02 -75.89
C ILE A 462 33.45 35.16 -74.97
N ASN A 463 33.00 35.02 -73.73
CA ASN A 463 33.62 34.11 -72.76
C ASN A 463 32.66 32.99 -72.39
N ILE A 464 33.13 31.75 -72.49
CA ILE A 464 32.30 30.58 -72.26
C ILE A 464 32.79 29.69 -71.12
N THR A 465 31.84 29.13 -70.37
CA THR A 465 32.14 28.20 -69.27
C THR A 465 31.41 26.88 -69.52
N ALA A 466 31.50 25.95 -68.57
CA ALA A 466 30.90 24.62 -68.72
C ALA A 466 29.81 24.32 -67.70
N LEU A 467 28.79 23.57 -68.13
CA LEU A 467 27.76 23.03 -67.26
C LEU A 467 27.94 21.53 -67.09
N ASP A 468 28.21 21.09 -65.87
CA ASP A 468 28.44 19.68 -65.57
C ASP A 468 27.63 19.25 -64.35
N TYR A 469 26.97 18.10 -64.45
CA TYR A 469 26.17 17.58 -63.34
C TYR A 469 26.96 16.63 -62.43
N ASP A 470 28.27 16.84 -62.38
CA ASP A 470 29.16 16.05 -61.53
C ASP A 470 30.01 16.95 -60.63
N ILE A 471 30.41 16.40 -59.49
CA ILE A 471 31.30 17.11 -58.56
C ILE A 471 32.73 16.60 -58.68
N ASP A 472 33.67 17.40 -58.19
CA ASP A 472 35.11 17.09 -58.26
C ASP A 472 35.44 15.62 -57.96
N PRO A 473 36.40 15.03 -58.71
CA PRO A 473 37.18 15.67 -59.77
C PRO A 473 36.55 15.56 -61.16
N ASN A 474 35.33 15.02 -61.21
CA ASN A 474 34.62 14.76 -62.48
C ASN A 474 34.07 16.02 -63.16
N ALA A 475 34.60 17.17 -62.76
CA ALA A 475 34.36 18.44 -63.44
C ALA A 475 35.72 19.08 -63.71
N GLY A 476 36.32 19.64 -62.65
CA GLY A 476 37.67 20.23 -62.69
C GLY A 476 37.91 21.23 -63.82
N PRO A 477 39.15 21.27 -64.34
CA PRO A 477 39.47 22.04 -65.54
C PRO A 477 38.89 21.43 -66.83
N PHE A 478 38.24 22.28 -67.63
CA PHE A 478 37.61 21.85 -68.89
C PHE A 478 38.39 22.31 -70.11
N ALA A 479 38.61 21.40 -71.06
CA ALA A 479 39.29 21.73 -72.32
C ALA A 479 38.28 22.17 -73.38
N PHE A 480 38.55 23.30 -74.02
CA PHE A 480 37.67 23.86 -75.05
C PHE A 480 38.35 23.86 -76.42
N ASP A 481 37.70 23.22 -77.40
CA ASP A 481 38.29 23.04 -78.73
C ASP A 481 37.26 23.18 -79.86
N LEU A 482 37.69 23.80 -80.96
CA LEU A 482 36.89 23.83 -82.18
C LEU A 482 37.16 22.61 -83.06
N PRO A 483 36.10 22.04 -83.67
CA PRO A 483 36.22 20.92 -84.58
C PRO A 483 37.01 21.25 -85.85
N LEU A 484 37.66 20.23 -86.41
CA LEU A 484 38.40 20.38 -87.66
C LEU A 484 37.46 20.49 -88.86
N SER A 485 36.44 19.63 -88.88
CA SER A 485 35.39 19.68 -89.90
C SER A 485 34.03 19.96 -89.25
N PRO A 486 33.20 20.83 -89.86
CA PRO A 486 33.36 21.46 -91.17
C PRO A 486 34.52 22.46 -91.21
N VAL A 487 35.18 22.53 -92.36
CA VAL A 487 36.41 23.30 -92.51
C VAL A 487 36.19 24.80 -92.25
N THR A 488 34.97 25.27 -92.52
CA THR A 488 34.64 26.69 -92.46
C THR A 488 34.66 27.29 -91.05
N ILE A 489 34.41 26.47 -90.04
CA ILE A 489 34.21 26.98 -88.68
C ILE A 489 35.49 27.41 -87.98
N LYS A 490 36.54 26.59 -88.08
CA LYS A 490 37.82 26.96 -87.50
C LYS A 490 38.47 28.07 -88.33
N ARG A 491 38.01 28.23 -89.57
CA ARG A 491 38.44 29.31 -90.44
C ARG A 491 37.74 30.62 -90.08
N ASN A 492 36.54 30.51 -89.50
CA ASN A 492 35.78 31.67 -89.06
C ASN A 492 36.08 32.11 -87.62
N TRP A 493 36.41 31.14 -86.76
CA TRP A 493 36.53 31.39 -85.32
C TRP A 493 37.84 30.88 -84.72
N THR A 494 38.08 31.20 -83.45
CA THR A 494 39.26 30.71 -82.71
C THR A 494 39.02 30.67 -81.19
N ILE A 495 39.56 29.64 -80.55
CA ILE A 495 39.36 29.40 -79.11
C ILE A 495 40.67 29.57 -78.31
N ASN A 496 40.57 30.23 -77.16
CA ASN A 496 41.73 30.48 -76.30
C ASN A 496 41.48 30.14 -74.82
N ARG A 497 42.41 29.40 -74.21
CA ARG A 497 42.34 29.05 -72.79
C ARG A 497 42.66 30.24 -71.88
N LEU A 498 41.86 30.42 -70.84
CA LEU A 498 42.06 31.51 -69.90
C LEU A 498 42.77 30.99 -68.66
N ASN A 499 42.14 30.04 -67.98
CA ASN A 499 42.70 29.45 -66.77
C ASN A 499 42.56 27.93 -66.71
N GLY A 500 41.32 27.47 -66.66
CA GLY A 500 40.99 26.06 -66.73
C GLY A 500 39.56 26.00 -67.22
N ASP A 501 38.64 26.10 -66.27
CA ASP A 501 37.26 26.45 -66.56
C ASP A 501 36.60 27.62 -67.27
N PHE A 502 37.43 28.52 -67.79
CA PHE A 502 36.96 29.69 -68.52
C PHE A 502 37.81 29.89 -69.78
N ALA A 503 37.11 30.03 -70.91
CA ALA A 503 37.76 30.21 -72.21
C ALA A 503 37.07 31.27 -73.07
N GLN A 504 37.83 31.87 -73.99
CA GLN A 504 37.32 32.93 -74.87
C GLN A 504 37.17 32.50 -76.33
N LEU A 505 36.18 33.08 -77.00
CA LEU A 505 35.93 32.85 -78.41
C LEU A 505 35.76 34.19 -79.13
N ASN A 506 36.33 34.28 -80.33
CA ASN A 506 36.23 35.47 -81.17
C ASN A 506 36.44 35.15 -82.65
N LEU A 507 35.68 35.83 -83.50
CA LEU A 507 35.79 35.67 -84.96
C LEU A 507 37.05 36.34 -85.50
N LYS A 508 37.76 35.66 -86.39
CA LYS A 508 39.00 36.17 -86.94
C LYS A 508 38.89 36.61 -88.40
N ILE A 509 37.68 36.56 -88.95
CA ILE A 509 37.40 37.20 -90.23
C ILE A 509 37.28 38.70 -90.01
N LYS A 510 37.44 39.48 -91.08
CA LYS A 510 37.31 40.94 -90.98
C LYS A 510 35.84 41.39 -90.97
N PHE A 511 35.02 40.76 -91.82
CA PHE A 511 33.59 41.10 -91.93
C PHE A 511 32.83 40.99 -90.61
N GLU A 513 27.23 38.77 -91.51
CA GLU A 513 26.09 39.69 -91.54
C GLU A 513 25.00 39.27 -90.56
N ALA A 514 23.79 39.80 -90.73
CA ALA A 514 22.66 39.52 -89.85
C ALA A 514 22.12 38.09 -90.03
N GLY A 515 21.86 37.43 -88.91
CA GLY A 515 21.31 36.06 -88.92
C GLY A 515 21.75 35.18 -87.76
N ILE A 516 21.66 33.86 -87.97
CA ILE A 516 22.05 32.88 -86.95
C ILE A 516 23.30 32.10 -87.39
N TYR A 517 24.28 32.03 -86.51
CA TYR A 517 25.51 31.26 -86.75
C TYR A 517 25.65 30.21 -85.65
N GLU A 518 25.44 28.94 -85.99
CA GLU A 518 25.61 27.86 -85.02
C GLU A 518 27.06 27.36 -84.98
N VAL A 519 27.71 27.53 -83.82
CA VAL A 519 29.13 27.23 -83.67
C VAL A 519 29.34 26.03 -82.73
N PRO A 520 29.84 24.91 -83.28
CA PRO A 520 30.10 23.70 -82.50
C PRO A 520 31.37 23.82 -81.67
N ILE A 521 31.32 23.34 -80.42
CA ILE A 521 32.47 23.36 -79.52
C ILE A 521 32.64 22.02 -78.80
N ILE A 522 33.85 21.48 -78.88
CA ILE A 522 34.21 20.26 -78.15
C ILE A 522 34.71 20.64 -76.75
N ILE A 523 34.06 20.08 -75.73
CA ILE A 523 34.43 20.33 -74.34
C ILE A 523 34.66 19.01 -73.60
N THR A 524 35.77 18.94 -72.87
CA THR A 524 36.15 17.73 -72.15
C THR A 524 36.44 18.05 -70.68
N ASP A 525 36.01 17.18 -69.78
CA ASP A 525 36.26 17.37 -68.35
C ASP A 525 37.25 16.34 -67.81
N SER A 526 37.81 16.58 -66.63
CA SER A 526 38.86 15.70 -66.07
C SER A 526 38.57 14.18 -65.92
N GLY A 527 37.65 13.84 -65.03
CA GLY A 527 37.51 12.50 -64.43
C GLY A 527 37.59 11.36 -65.42
N ASN A 528 38.66 10.58 -65.30
CA ASN A 528 38.92 9.46 -66.23
C ASN A 528 38.02 8.24 -66.02
N PRO A 529 37.53 7.62 -67.10
CA PRO A 529 37.72 8.05 -68.50
C PRO A 529 36.98 9.36 -68.79
N PRO A 530 37.69 10.35 -69.36
CA PRO A 530 37.11 11.69 -69.56
C PRO A 530 36.12 11.71 -70.70
N LYS A 531 34.98 12.35 -70.48
CA LYS A 531 33.94 12.43 -71.50
C LYS A 531 33.93 13.79 -72.20
N SER A 532 33.81 13.75 -73.52
CA SER A 532 33.73 14.96 -74.33
C SER A 532 32.33 15.07 -74.94
N ASN A 533 31.99 16.27 -75.39
CA ASN A 533 30.72 16.51 -76.09
C ASN A 533 30.82 17.73 -76.99
N ILE A 534 30.11 17.68 -78.12
CA ILE A 534 30.07 18.80 -79.05
C ILE A 534 28.80 19.61 -78.84
N SER A 535 28.80 20.44 -77.79
CA SER A 535 27.67 21.31 -77.50
C SER A 535 27.69 22.50 -78.44
N ILE A 536 26.57 22.74 -79.12
CA ILE A 536 26.47 23.80 -80.12
C ILE A 536 26.14 25.14 -79.46
N LEU A 537 26.88 26.18 -79.85
CA LEU A 537 26.62 27.53 -79.37
C LEU A 537 25.84 28.29 -80.44
N ARG A 538 24.64 28.72 -80.09
CA ARG A 538 23.82 29.55 -80.98
C ARG A 538 24.32 31.00 -80.91
N VAL A 539 24.73 31.54 -82.05
CA VAL A 539 25.22 32.92 -82.11
C VAL A 539 24.41 33.73 -83.13
N LYS A 540 24.04 34.94 -82.73
CA LYS A 540 23.38 35.90 -83.62
C LYS A 540 24.23 37.15 -83.76
N VAL A 541 24.69 37.38 -84.99
CA VAL A 541 25.57 38.50 -85.32
C VAL A 541 24.83 39.45 -86.26
N CYS A 542 25.10 40.75 -86.16
CA CYS A 542 24.49 41.75 -87.03
C CYS A 542 25.51 42.40 -87.96
C1 NAG B . -10.49 -18.27 54.10
C2 NAG B . -11.20 -19.48 54.70
C3 NAG B . -10.48 -20.06 55.90
C4 NAG B . -8.95 -20.10 55.76
C5 NAG B . -8.41 -18.84 55.07
C6 NAG B . -6.93 -18.95 54.71
C7 NAG B . -13.61 -19.84 54.61
C8 NAG B . -14.52 -20.45 55.64
N2 NAG B . -12.56 -19.15 55.08
O3 NAG B . -10.97 -21.36 56.11
O4 NAG B . -8.35 -20.24 57.03
O5 NAG B . -9.13 -18.58 53.89
O6 NAG B . -6.74 -19.96 53.74
O7 NAG B . -13.84 -20.00 53.40
C1 NAG B . -7.80 -21.57 57.25
C2 NAG B . -6.92 -21.55 58.50
C3 NAG B . -6.57 -22.94 59.06
C4 NAG B . -7.71 -23.97 58.93
C5 NAG B . -8.42 -23.87 57.57
C6 NAG B . -9.65 -24.76 57.51
C7 NAG B . -5.38 -19.65 58.78
C8 NAG B . -4.48 -19.68 59.99
N2 NAG B . -5.68 -20.84 58.23
O3 NAG B . -6.18 -22.84 60.41
O4 NAG B . -7.22 -25.27 59.15
O5 NAG B . -8.83 -22.54 57.33
O6 NAG B . -9.45 -25.77 56.55
O7 NAG B . -5.81 -18.59 58.34
C1 NAG C . 18.58 10.72 -46.54
C2 NAG C . 17.91 12.11 -46.59
C3 NAG C . 18.93 13.24 -46.43
C4 NAG C . 19.80 13.04 -45.20
C5 NAG C . 20.41 11.64 -45.19
C6 NAG C . 20.21 10.92 -43.86
C7 NAG C . 17.46 12.72 -48.96
C8 NAG C . 16.60 13.84 -49.50
N2 NAG C . 17.08 12.22 -47.79
O3 NAG C . 18.26 14.48 -46.35
O4 NAG C . 20.86 13.98 -45.19
O5 NAG C . 19.97 10.84 -46.29
O6 NAG C . 21.19 11.35 -42.93
O7 NAG C . 18.43 12.32 -49.60
C1 NAG C . 20.78 14.89 -44.07
C2 NAG C . 22.22 15.23 -43.63
C3 NAG C . 22.34 16.51 -42.79
C4 NAG C . 21.36 17.62 -43.18
C5 NAG C . 19.96 17.04 -43.39
C6 NAG C . 18.96 18.12 -43.82
C7 NAG C . 24.05 13.83 -42.81
C8 NAG C . 24.64 13.84 -41.43
N2 NAG C . 22.75 14.09 -42.90
O3 NAG C . 23.66 17.01 -42.88
O4 NAG C . 21.36 18.61 -42.18
O5 NAG C . 20.02 16.04 -44.39
O6 NAG C . 18.11 18.47 -42.75
O7 NAG C . 24.75 13.56 -43.78
CA CA D . -29.92 -2.22 62.50
CA CA E . -26.39 -3.98 62.93
CA CA F . -23.65 -8.30 58.71
CA CA G . -6.71 -17.52 19.89
CA CA H . -3.43 -16.55 14.15
CA CA I . -6.93 -21.14 21.57
CA CA J . 9.22 -10.46 -24.90
CA CA K . 6.42 -12.85 -27.08
CA CA L . 5.99 -11.50 -33.78
CA CA M . 28.01 10.96 -61.99
CA CA N . 24.45 9.44 -63.56
CA CA O . 31.28 15.05 -66.31
C1 MAN P . -27.33 -13.86 44.06
C2 MAN P . -28.61 -13.05 43.97
C3 MAN P . -29.81 -13.99 44.17
C4 MAN P . -29.67 -15.34 43.44
C5 MAN P . -28.24 -15.85 43.24
C6 MAN P . -28.13 -16.85 42.09
O2 MAN P . -28.68 -12.42 42.70
O3 MAN P . -30.99 -13.34 43.74
O4 MAN P . -30.38 -16.31 44.18
O5 MAN P . -27.34 -14.78 42.98
O6 MAN P . -28.30 -16.20 40.85
C1 MAN Q . -25.67 -11.52 38.22
C2 MAN Q . -26.63 -11.83 39.37
C3 MAN Q . -27.43 -13.08 39.02
C4 MAN Q . -28.25 -12.89 37.75
C5 MAN Q . -27.56 -12.06 36.66
C6 MAN Q . -28.38 -10.80 36.33
O2 MAN Q . -27.48 -10.73 39.64
O3 MAN Q . -28.27 -13.43 40.11
O4 MAN Q . -28.55 -14.16 37.21
O5 MAN Q . -26.20 -11.73 36.90
O6 MAN Q . -27.83 -9.64 36.92
C1 MAN R . -14.43 -3.33 46.80
C2 MAN R . -15.22 -2.36 45.94
C3 MAN R . -14.38 -1.52 44.96
C4 MAN R . -13.10 -2.21 44.46
C5 MAN R . -12.40 -3.09 45.52
C6 MAN R . -10.93 -2.71 45.65
O2 MAN R . -15.99 -1.52 46.79
O3 MAN R . -14.02 -0.26 45.51
O4 MAN R . -13.38 -3.01 43.33
O5 MAN R . -13.03 -3.00 46.79
O6 MAN R . -10.26 -3.10 44.46
C1 MAN S . 1.43 -25.68 -10.72
C2 MAN S . 1.22 -26.90 -9.82
C3 MAN S . 2.52 -27.68 -9.58
C4 MAN S . 3.71 -27.32 -10.48
C5 MAN S . 3.41 -26.48 -11.74
C6 MAN S . 3.89 -27.21 -13.00
O2 MAN S . 0.22 -27.72 -10.38
O3 MAN S . 2.28 -29.07 -9.70
O4 MAN S . 4.65 -26.61 -9.70
O5 MAN S . 2.04 -26.13 -11.91
O6 MAN S . 2.79 -27.50 -13.84
C1 MAN T . 4.57 -26.18 -3.23
C2 MAN T . 5.85 -26.77 -2.65
C3 MAN T . 6.32 -27.90 -3.57
C4 MAN T . 5.19 -28.90 -3.89
C5 MAN T . 3.88 -28.18 -4.23
C6 MAN T . 2.71 -29.17 -4.31
O2 MAN T . 5.62 -27.25 -1.35
O3 MAN T . 7.41 -28.56 -2.96
O4 MAN T . 5.58 -29.71 -4.97
O5 MAN T . 3.57 -27.18 -3.28
O6 MAN T . 2.20 -29.17 -5.63
C1 MAN U . 6.31 -23.71 4.51
C2 MAN U . 6.71 -25.11 4.99
C3 MAN U . 6.37 -25.31 6.47
C4 MAN U . 6.80 -24.12 7.34
C5 MAN U . 6.42 -22.79 6.67
C6 MAN U . 6.90 -21.58 7.47
O2 MAN U . 8.09 -25.31 4.76
O3 MAN U . 6.96 -26.50 6.94
O4 MAN U . 6.18 -24.20 8.61
O5 MAN U . 6.94 -22.75 5.35
O6 MAN U . 5.85 -21.18 8.32
C1 MAN V . 3.11 -2.43 -39.66
C2 MAN V . 2.94 -1.04 -39.03
C3 MAN V . 1.91 -1.05 -37.89
C4 MAN V . 0.63 -1.81 -38.27
C5 MAN V . 0.94 -3.16 -38.91
C6 MAN V . -0.33 -3.81 -39.44
O2 MAN V . 2.57 -0.11 -40.02
O3 MAN V . 1.60 0.28 -37.52
O4 MAN V . -0.14 -1.99 -37.10
O5 MAN V . 1.86 -3.02 -39.98
O6 MAN V . 0.00 -5.01 -40.09
C1 MAN W . 7.23 2.17 -40.28
C2 MAN W . 5.89 1.64 -39.77
C3 MAN W . 4.86 2.76 -39.61
C4 MAN W . 5.44 4.00 -38.94
C5 MAN W . 6.76 4.39 -39.63
C6 MAN W . 7.42 5.64 -39.04
O2 MAN W . 6.05 0.98 -38.53
O3 MAN W . 3.75 2.29 -38.87
O4 MAN W . 4.51 5.06 -38.99
O5 MAN W . 7.65 3.29 -39.53
O6 MAN W . 8.10 6.31 -40.06
C1 MAN X . 14.55 3.84 -40.69
C2 MAN X . 13.02 3.86 -40.69
C3 MAN X . 12.46 5.25 -40.99
C4 MAN X . 13.14 6.36 -40.17
C5 MAN X . 14.67 6.20 -40.12
C6 MAN X . 15.25 7.11 -39.02
O2 MAN X . 12.54 3.37 -39.44
O3 MAN X . 11.06 5.26 -40.75
O4 MAN X . 12.81 7.61 -40.75
O5 MAN X . 15.08 4.86 -39.86
O6 MAN X . 16.75 6.88 -39.02
C1 NAG Y . -19.86 -4.39 31.98
C2 NAG Y . -20.24 -3.41 33.09
C3 NAG Y . -21.76 -3.41 33.29
C4 NAG Y . -22.56 -3.34 31.98
C5 NAG Y . -21.89 -4.07 30.81
C6 NAG Y . -22.44 -3.59 29.46
C7 NAG Y . -19.07 -2.72 35.15
C8 NAG Y . -19.77 -2.49 36.46
N2 NAG Y . -19.57 -3.68 34.35
O3 NAG Y . -22.12 -2.33 34.11
O4 NAG Y . -23.85 -3.86 32.23
O5 NAG Y . -20.49 -3.89 30.81
O6 NAG Y . -22.40 -4.64 28.51
O7 NAG Y . -18.09 -2.04 34.85
C1 NAG Z . -9.74 -12.22 -5.83
C2 NAG Z . -11.07 -12.20 -5.06
C3 NAG Z . -12.13 -11.54 -5.94
C4 NAG Z . -11.68 -10.12 -6.31
C5 NAG Z . -10.23 -10.07 -6.81
C6 NAG Z . -9.69 -8.63 -6.81
C7 NAG Z . -11.93 -13.72 -3.35
C8 NAG Z . -12.94 -14.81 -3.16
N2 NAG Z . -11.47 -13.52 -4.59
O3 NAG Z . -13.36 -11.48 -5.25
O4 NAG Z . -12.56 -9.60 -7.29
O5 NAG Z . -9.36 -10.87 -6.02
O6 NAG Z . -9.13 -8.31 -5.55
O7 NAG Z . -11.56 -13.05 -2.37
C1 NAG AA . 31.54 31.36 -91.23
C2 NAG AA . 30.15 30.71 -91.20
C3 NAG AA . 29.59 30.57 -92.62
C4 NAG AA . 29.54 31.95 -93.29
C5 NAG AA . 30.91 32.66 -93.19
C6 NAG AA . 30.80 34.11 -93.64
C7 NAG AA . 29.77 29.28 -89.27
C8 NAG AA . 28.54 28.45 -89.05
N2 NAG AA . 30.19 29.42 -90.53
O3 NAG AA . 28.29 30.03 -92.57
O4 NAG AA . 29.15 31.81 -94.64
O5 NAG AA . 31.44 32.63 -91.87
O6 NAG AA . 30.93 34.19 -95.04
O7 NAG AA . 30.35 29.81 -88.32
#